data_5Y07
#
_entry.id   5Y07
#
_cell.length_a   48.301
_cell.length_b   86.292
_cell.length_c   48.553
_cell.angle_alpha   90.000
_cell.angle_beta   105.870
_cell.angle_gamma   90.000
#
_symmetry.space_group_name_H-M   'P 1 21 1'
#
loop_
_entity.id
_entity.type
_entity.pdbx_description
1 polymer 'Adenine phosphoribosyltransferase'
2 non-polymer 1-O-pyrophosphono-5-O-phosphono-alpha-D-ribofuranose
3 non-polymer 'SODIUM ION'
4 non-polymer 'MAGNESIUM ION'
5 water water
#
_entity_poly.entity_id   1
_entity_poly.type   'polypeptide(L)'
_entity_poly.pdbx_seq_one_letter_code
;MTVSASKTAQQLKYIKDSIKTIPDYPKAGILFRDVTSLLENPKAYSASIELLSEHYSESGVTKVVGTEARGFLFGAPVAL
ALGVGFVPVRKPGKLPRETISESYELEYGTDTLEIHTDSIQPGDKVLVVDDLLATGGTIEATVKLIRRLGGEVVHAAFII
NLPELGGEARLTQQGIHCYSLVSFDGH
;
_entity_poly.pdbx_strand_id   A,B
#
# COMPACT_ATOMS: atom_id res chain seq x y z
N THR A 8 -5.14 5.05 -26.90
CA THR A 8 -5.46 5.24 -25.42
C THR A 8 -6.60 4.35 -24.84
N ALA A 9 -7.61 4.11 -25.67
CA ALA A 9 -8.54 3.01 -25.53
C ALA A 9 -7.82 1.67 -25.45
N GLN A 10 -6.86 1.44 -26.35
CA GLN A 10 -5.80 0.39 -26.27
C GLN A 10 -5.45 0.02 -24.80
N GLN A 11 -5.08 1.07 -24.08
CA GLN A 11 -4.57 1.11 -22.70
C GLN A 11 -5.66 0.90 -21.60
N LEU A 12 -6.79 1.60 -21.75
CA LEU A 12 -7.93 1.42 -20.85
C LEU A 12 -8.46 0.01 -21.00
N LYS A 13 -8.59 -0.42 -22.25
CA LYS A 13 -8.87 -1.82 -22.56
C LYS A 13 -7.87 -2.84 -21.97
N TYR A 14 -6.55 -2.62 -22.12
CA TYR A 14 -5.58 -3.53 -21.53
C TYR A 14 -5.68 -3.55 -19.98
N ILE A 15 -5.99 -2.39 -19.42
CA ILE A 15 -6.20 -2.33 -17.96
C ILE A 15 -7.43 -3.09 -17.54
N LYS A 16 -8.53 -2.89 -18.23
CA LYS A 16 -9.76 -3.61 -17.87
C LYS A 16 -9.64 -5.12 -18.04
N ASP A 17 -9.04 -5.57 -19.16
CA ASP A 17 -8.80 -7.04 -19.38
C ASP A 17 -7.90 -7.68 -18.34
N SER A 18 -6.97 -6.89 -17.77
CA SER A 18 -6.04 -7.41 -16.78
C SER A 18 -6.70 -7.74 -15.39
N ILE A 19 -7.89 -7.25 -15.15
CA ILE A 19 -8.60 -7.40 -13.88
C ILE A 19 -9.48 -8.63 -13.96
N LYS A 20 -9.31 -9.55 -13.03
CA LYS A 20 -10.08 -10.80 -13.05
C LYS A 20 -11.38 -10.63 -12.36
N THR A 21 -12.37 -11.39 -12.81
CA THR A 21 -13.65 -11.46 -12.17
C THR A 21 -13.76 -12.78 -11.52
N ILE A 22 -13.95 -12.84 -10.21
CA ILE A 22 -14.03 -14.10 -9.46
C ILE A 22 -15.52 -14.36 -9.20
N PRO A 23 -16.06 -15.55 -9.62
CA PRO A 23 -17.51 -15.76 -9.34
C PRO A 23 -17.75 -16.16 -7.87
N ASP A 24 -18.95 -15.99 -7.36
CA ASP A 24 -19.29 -16.41 -6.00
C ASP A 24 -18.34 -16.02 -4.93
N TYR A 25 -17.86 -14.78 -5.01
CA TYR A 25 -17.08 -14.21 -3.96
C TYR A 25 -17.60 -12.74 -3.72
N PRO A 26 -17.69 -12.30 -2.47
CA PRO A 26 -17.42 -13.09 -1.25
C PRO A 26 -18.44 -14.18 -0.92
N LYS A 27 -19.62 -14.15 -1.56
CA LYS A 27 -20.61 -15.18 -1.41
C LYS A 27 -21.25 -15.57 -2.72
N ALA A 28 -21.98 -16.69 -2.64
CA ALA A 28 -22.76 -17.23 -3.76
C ALA A 28 -23.56 -16.11 -4.39
N GLY A 29 -23.56 -16.07 -5.72
CA GLY A 29 -24.36 -15.11 -6.49
C GLY A 29 -23.59 -13.88 -6.94
N ILE A 30 -22.50 -13.59 -6.24
CA ILE A 30 -21.87 -12.30 -6.34
C ILE A 30 -20.46 -12.47 -7.00
N LEU A 31 -20.14 -11.49 -7.85
CA LEU A 31 -18.87 -11.37 -8.60
C LEU A 31 -17.93 -10.41 -7.84
N PHE A 32 -16.64 -10.75 -7.74
CA PHE A 32 -15.66 -9.85 -7.16
C PHE A 32 -14.69 -9.47 -8.28
N ARG A 33 -14.37 -8.18 -8.40
CA ARG A 33 -13.40 -7.75 -9.42
C ARG A 33 -12.09 -7.66 -8.68
N ASP A 34 -11.17 -8.53 -9.08
CA ASP A 34 -9.91 -8.75 -8.38
C ASP A 34 -8.76 -7.90 -8.97
N VAL A 35 -8.41 -6.82 -8.24
CA VAL A 35 -7.36 -5.89 -8.67
C VAL A 35 -6.01 -6.48 -8.55
N THR A 36 -5.88 -7.58 -7.82
CA THR A 36 -4.51 -8.14 -7.71
C THR A 36 -3.95 -8.69 -9.03
N SER A 37 -4.82 -9.05 -10.00
CA SER A 37 -4.30 -9.52 -11.25
C SER A 37 -3.72 -8.34 -12.11
N LEU A 38 -4.16 -7.12 -11.87
CA LEU A 38 -3.59 -5.94 -12.47
C LEU A 38 -2.24 -5.66 -11.83
N LEU A 39 -2.20 -5.81 -10.47
CA LEU A 39 -0.99 -5.54 -9.73
C LEU A 39 0.14 -6.41 -10.26
N GLU A 40 -0.12 -7.64 -10.62
CA GLU A 40 0.95 -8.56 -11.02
C GLU A 40 1.24 -8.50 -12.54
N ASN A 41 0.60 -7.60 -13.28
CA ASN A 41 0.90 -7.32 -14.69
C ASN A 41 1.56 -5.93 -14.77
N PRO A 42 2.89 -5.86 -14.91
CA PRO A 42 3.51 -4.58 -14.69
C PRO A 42 3.17 -3.55 -15.75
N LYS A 43 2.87 -3.99 -16.97
CA LYS A 43 2.27 -3.07 -17.96
C LYS A 43 0.96 -2.44 -17.55
N ALA A 44 0.04 -3.24 -17.01
CA ALA A 44 -1.26 -2.69 -16.65
C ALA A 44 -1.21 -1.78 -15.44
N TYR A 45 -0.37 -2.21 -14.51
CA TYR A 45 -0.12 -1.50 -13.23
C TYR A 45 0.50 -0.12 -13.52
N SER A 46 1.58 -0.08 -14.29
CA SER A 46 2.20 1.20 -14.61
C SER A 46 1.26 2.07 -15.47
N ALA A 47 0.48 1.48 -16.39
CA ALA A 47 -0.41 2.27 -17.20
C ALA A 47 -1.43 2.90 -16.26
N SER A 48 -1.89 2.15 -15.25
CA SER A 48 -2.96 2.69 -14.44
C SER A 48 -2.44 3.92 -13.62
N ILE A 49 -1.24 3.85 -13.13
CA ILE A 49 -0.67 4.95 -12.40
C ILE A 49 -0.33 6.16 -13.35
N GLU A 50 0.17 5.86 -14.51
CA GLU A 50 0.35 6.87 -15.56
C GLU A 50 -0.99 7.64 -15.94
N LEU A 51 -2.12 6.93 -16.15
CA LEU A 51 -3.36 7.57 -16.45
C LEU A 51 -3.85 8.43 -15.30
N LEU A 52 -3.85 7.89 -14.08
CA LEU A 52 -4.32 8.71 -12.99
C LEU A 52 -3.47 9.93 -12.78
N SER A 53 -2.13 9.80 -12.80
CA SER A 53 -1.31 10.96 -12.54
C SER A 53 -1.35 12.02 -13.69
N GLU A 54 -1.48 11.58 -14.95
CA GLU A 54 -1.60 12.53 -16.10
C GLU A 54 -2.94 13.28 -16.02
N HIS A 55 -4.01 12.60 -15.60
CA HIS A 55 -5.30 13.30 -15.49
C HIS A 55 -5.24 14.45 -14.45
N TYR A 56 -4.48 14.29 -13.35
CA TYR A 56 -4.46 15.36 -12.35
C TYR A 56 -3.26 16.22 -12.50
N SER A 57 -2.45 16.08 -13.54
CA SER A 57 -1.17 16.83 -13.57
C SER A 57 -1.25 18.31 -13.44
N GLU A 58 -2.36 18.90 -13.85
CA GLU A 58 -2.53 20.32 -13.83
C GLU A 58 -3.62 20.66 -12.87
N SER A 59 -3.95 19.78 -11.95
CA SER A 59 -5.03 20.03 -11.05
C SER A 59 -4.69 20.94 -9.88
N GLY A 60 -3.42 21.26 -9.58
CA GLY A 60 -3.08 21.97 -8.39
C GLY A 60 -3.15 21.22 -7.04
N VAL A 61 -3.39 19.91 -7.08
CA VAL A 61 -3.30 19.05 -5.91
C VAL A 61 -2.02 19.20 -5.16
N THR A 62 -2.08 19.39 -3.85
CA THR A 62 -0.87 19.42 -3.07
C THR A 62 -0.64 18.21 -2.11
N LYS A 63 -1.63 17.35 -1.89
CA LYS A 63 -1.49 16.13 -1.08
C LYS A 63 -2.31 15.02 -1.78
N VAL A 64 -1.86 13.79 -1.68
CA VAL A 64 -2.69 12.63 -2.02
C VAL A 64 -3.02 11.86 -0.76
N VAL A 65 -4.30 11.55 -0.60
CA VAL A 65 -4.71 10.62 0.45
C VAL A 65 -5.14 9.26 -0.13
N GLY A 66 -4.71 8.19 0.52
CA GLY A 66 -5.08 6.81 0.14
C GLY A 66 -5.46 6.04 1.36
N THR A 67 -6.58 5.31 1.22
CA THR A 67 -7.21 4.66 2.35
C THR A 67 -6.71 3.21 2.43
N GLU A 68 -6.37 2.79 3.62
CA GLU A 68 -5.90 1.46 3.88
C GLU A 68 -6.96 0.39 3.51
N ALA A 69 -6.56 -0.73 2.91
CA ALA A 69 -5.18 -0.99 2.43
C ALA A 69 -4.97 -0.96 0.90
N ARG A 70 -5.97 -1.40 0.11
CA ARG A 70 -5.74 -1.48 -1.35
C ARG A 70 -5.55 -0.10 -1.95
N GLY A 71 -6.09 0.91 -1.31
CA GLY A 71 -5.95 2.29 -1.79
C GLY A 71 -4.51 2.73 -1.66
N PHE A 72 -3.73 2.15 -0.71
CA PHE A 72 -2.29 2.47 -0.64
C PHE A 72 -1.54 2.17 -1.96
N LEU A 73 -1.97 1.15 -2.69
CA LEU A 73 -1.27 0.64 -3.82
C LEU A 73 -1.48 1.54 -5.08
N PHE A 74 -2.44 2.48 -4.96
CA PHE A 74 -2.70 3.43 -6.05
C PHE A 74 -2.45 4.85 -5.66
N GLY A 75 -2.86 5.21 -4.42
CA GLY A 75 -2.66 6.57 -3.95
C GLY A 75 -1.18 6.91 -3.84
N ALA A 76 -0.39 6.00 -3.29
CA ALA A 76 1.05 6.28 -3.05
C ALA A 76 1.84 6.39 -4.42
N PRO A 77 1.61 5.47 -5.41
CA PRO A 77 2.30 5.72 -6.71
C PRO A 77 1.89 7.06 -7.46
N VAL A 78 0.62 7.43 -7.33
CA VAL A 78 0.15 8.68 -7.86
C VAL A 78 0.83 9.83 -7.16
N ALA A 79 0.85 9.82 -5.81
CA ALA A 79 1.62 10.85 -5.08
C ALA A 79 3.06 10.97 -5.52
N LEU A 80 3.73 9.85 -5.70
CA LEU A 80 5.08 9.85 -6.22
C LEU A 80 5.16 10.47 -7.64
N ALA A 81 4.27 10.04 -8.52
CA ALA A 81 4.26 10.56 -9.89
C ALA A 81 3.95 12.03 -9.87
N LEU A 82 3.06 12.52 -8.97
CA LEU A 82 2.80 13.95 -8.90
C LEU A 82 3.87 14.73 -8.17
N GLY A 83 4.83 14.07 -7.52
CA GLY A 83 5.69 14.76 -6.59
C GLY A 83 5.00 15.50 -5.41
N VAL A 84 3.94 15.01 -4.79
CA VAL A 84 3.44 15.64 -3.60
C VAL A 84 3.39 14.58 -2.44
N GLY A 85 3.17 15.05 -1.24
CA GLY A 85 3.08 14.19 -0.06
C GLY A 85 1.96 13.18 -0.18
N PHE A 86 2.22 11.99 0.39
CA PHE A 86 1.15 10.98 0.53
C PHE A 86 0.79 10.89 2.04
N VAL A 87 -0.51 10.83 2.30
CA VAL A 87 -1.06 10.72 3.60
C VAL A 87 -1.98 9.51 3.66
N PRO A 88 -1.61 8.50 4.44
CA PRO A 88 -2.57 7.41 4.64
C PRO A 88 -3.76 7.72 5.59
N VAL A 89 -4.93 7.14 5.27
CA VAL A 89 -5.98 7.04 6.24
C VAL A 89 -6.03 5.61 6.58
N ARG A 90 -6.01 5.34 7.88
CA ARG A 90 -5.76 3.97 8.31
C ARG A 90 -6.91 3.46 9.22
N LYS A 91 -6.94 2.13 9.35
CA LYS A 91 -7.73 1.44 10.35
C LYS A 91 -7.20 1.80 11.73
N PRO A 92 -8.05 1.64 12.74
CA PRO A 92 -7.74 2.27 14.00
C PRO A 92 -6.56 1.68 14.69
N GLY A 93 -5.91 2.49 15.47
CA GLY A 93 -4.80 1.98 16.32
C GLY A 93 -3.42 1.83 15.66
N LYS A 94 -3.27 2.27 14.40
CA LYS A 94 -2.05 2.08 13.63
C LYS A 94 -1.19 3.35 13.47
N LEU A 95 -1.81 4.54 13.47
CA LEU A 95 -1.10 5.79 13.24
C LEU A 95 -0.67 6.24 14.62
N PRO A 96 0.64 6.58 14.76
CA PRO A 96 1.29 6.86 16.06
C PRO A 96 1.12 8.27 16.56
N ARG A 97 1.02 9.24 15.68
CA ARG A 97 0.84 10.63 16.15
C ARG A 97 -0.61 10.92 16.41
N GLU A 98 -0.91 12.20 16.65
CA GLU A 98 -2.22 12.57 17.05
C GLU A 98 -3.18 12.40 15.85
N THR A 99 -4.37 11.85 16.12
CA THR A 99 -5.31 11.47 15.05
C THR A 99 -6.66 12.05 15.37
N ILE A 100 -7.50 12.10 14.35
CA ILE A 100 -8.96 12.08 14.51
C ILE A 100 -9.57 10.90 13.74
N SER A 101 -10.85 10.64 13.98
CA SER A 101 -11.52 9.42 13.58
C SER A 101 -12.89 9.67 13.01
N GLU A 102 -13.32 8.83 12.10
CA GLU A 102 -14.72 8.88 11.65
C GLU A 102 -15.21 7.47 11.60
N SER A 103 -16.47 7.24 11.90
CA SER A 103 -16.99 5.91 11.89
C SER A 103 -17.71 5.71 10.55
N TYR A 104 -17.75 4.49 9.99
CA TYR A 104 -18.54 4.19 8.81
C TYR A 104 -19.16 2.78 8.98
N GLU A 105 -20.11 2.47 8.09
CA GLU A 105 -20.90 1.22 8.10
C GLU A 105 -20.30 0.13 7.23
N LEU A 106 -20.02 -0.99 7.84
CA LEU A 106 -19.72 -2.16 7.08
C LEU A 106 -21.04 -2.91 6.91
N GLU A 107 -20.96 -3.96 6.15
CA GLU A 107 -22.11 -4.83 5.95
C GLU A 107 -22.63 -5.34 7.29
N TYR A 108 -21.72 -5.71 8.20
CA TYR A 108 -22.11 -6.37 9.47
C TYR A 108 -21.74 -5.65 10.80
N GLY A 109 -21.59 -4.35 10.73
CA GLY A 109 -21.44 -3.51 11.87
C GLY A 109 -20.68 -2.28 11.43
N THR A 110 -19.84 -1.75 12.31
CA THR A 110 -19.23 -0.48 12.04
C THR A 110 -17.77 -0.48 12.43
N ASP A 111 -17.00 0.33 11.69
CA ASP A 111 -15.58 0.51 11.88
C ASP A 111 -15.21 1.99 11.72
N THR A 112 -13.92 2.31 11.94
CA THR A 112 -13.44 3.69 11.89
C THR A 112 -12.22 3.80 11.01
N LEU A 113 -11.98 5.02 10.54
CA LEU A 113 -10.77 5.32 9.83
C LEU A 113 -10.13 6.49 10.58
N GLU A 114 -8.84 6.54 10.56
CA GLU A 114 -8.13 7.63 11.22
C GLU A 114 -7.17 8.29 10.24
N ILE A 115 -6.84 9.54 10.54
CA ILE A 115 -5.82 10.29 9.88
C ILE A 115 -4.96 11.08 10.86
N HIS A 116 -3.70 11.32 10.53
CA HIS A 116 -2.85 12.17 11.36
C HIS A 116 -3.29 13.68 11.22
N THR A 117 -3.58 14.33 12.35
CA THR A 117 -4.00 15.75 12.37
C THR A 117 -2.97 16.69 11.81
N ASP A 118 -1.69 16.38 12.02
CA ASP A 118 -0.56 17.16 11.49
C ASP A 118 -0.43 17.10 9.96
N SER A 119 -1.07 16.15 9.29
CA SER A 119 -0.70 15.86 7.90
C SER A 119 -1.57 16.56 6.92
N ILE A 120 -2.67 17.12 7.40
CA ILE A 120 -3.53 17.94 6.57
C ILE A 120 -3.67 19.29 7.23
N GLN A 121 -3.58 20.33 6.43
CA GLN A 121 -3.90 21.65 6.96
C GLN A 121 -4.66 22.54 6.05
N PRO A 122 -5.19 23.67 6.62
CA PRO A 122 -6.01 24.56 5.84
C PRO A 122 -5.32 25.06 4.62
N GLY A 123 -6.05 25.05 3.52
CA GLY A 123 -5.50 25.38 2.26
C GLY A 123 -4.94 24.18 1.51
N ASP A 124 -4.78 22.99 2.09
CA ASP A 124 -4.32 21.85 1.29
C ASP A 124 -5.35 21.48 0.24
N LYS A 125 -4.87 21.13 -0.96
CA LYS A 125 -5.81 20.68 -1.99
C LYS A 125 -5.52 19.17 -2.14
N VAL A 126 -6.49 18.35 -1.79
CA VAL A 126 -6.26 16.94 -1.55
C VAL A 126 -6.98 16.08 -2.54
N LEU A 127 -6.25 15.22 -3.23
CA LEU A 127 -6.85 14.25 -4.14
C LEU A 127 -7.00 12.98 -3.35
N VAL A 128 -8.15 12.31 -3.39
CA VAL A 128 -8.30 11.00 -2.67
C VAL A 128 -8.22 9.96 -3.74
N VAL A 129 -7.49 8.87 -3.51
CA VAL A 129 -7.38 7.80 -4.46
C VAL A 129 -7.70 6.44 -3.76
N ASP A 130 -8.51 5.60 -4.42
CA ASP A 130 -8.83 4.25 -3.90
C ASP A 130 -8.83 3.32 -5.08
N ASP A 131 -8.68 2.02 -4.81
CA ASP A 131 -8.77 1.10 -5.92
C ASP A 131 -10.13 1.05 -6.52
N LEU A 132 -11.12 1.09 -5.65
CA LEU A 132 -12.43 0.74 -6.03
C LEU A 132 -13.49 1.59 -5.33
N LEU A 133 -14.46 2.04 -6.16
CA LEU A 133 -15.59 2.74 -5.67
C LEU A 133 -16.84 1.86 -5.78
N ALA A 134 -17.51 1.58 -4.65
CA ALA A 134 -18.70 0.70 -4.65
C ALA A 134 -19.85 1.48 -4.07
N THR A 135 -20.09 1.37 -2.77
CA THR A 135 -21.17 2.11 -2.10
C THR A 135 -20.77 3.51 -1.73
N GLY A 136 -19.46 3.78 -1.73
CA GLY A 136 -18.93 5.06 -1.35
C GLY A 136 -18.77 5.32 0.16
N GLY A 137 -19.00 4.36 1.04
CA GLY A 137 -18.97 4.58 2.53
C GLY A 137 -17.53 4.95 2.96
N THR A 138 -16.57 4.26 2.37
CA THR A 138 -15.15 4.45 2.71
C THR A 138 -14.67 5.86 2.42
N ILE A 139 -14.90 6.30 1.20
CA ILE A 139 -14.45 7.63 0.81
C ILE A 139 -15.25 8.71 1.50
N GLU A 140 -16.54 8.51 1.69
CA GLU A 140 -17.31 9.55 2.44
C GLU A 140 -16.73 9.81 3.82
N ALA A 141 -16.34 8.77 4.54
CA ALA A 141 -15.65 8.90 5.78
C ALA A 141 -14.28 9.56 5.64
N THR A 142 -13.54 9.19 4.62
CA THR A 142 -12.21 9.73 4.41
C THR A 142 -12.29 11.22 4.11
N VAL A 143 -13.26 11.61 3.27
CA VAL A 143 -13.45 13.01 2.93
C VAL A 143 -13.82 13.78 4.21
N LYS A 144 -14.66 13.27 5.10
CA LYS A 144 -14.88 14.00 6.43
C LYS A 144 -13.67 14.22 7.25
N LEU A 145 -12.77 13.23 7.29
CA LEU A 145 -11.47 13.38 7.99
C LEU A 145 -10.72 14.59 7.45
N ILE A 146 -10.61 14.63 6.11
CA ILE A 146 -9.83 15.66 5.42
C ILE A 146 -10.41 17.10 5.66
N ARG A 147 -11.74 17.21 5.55
CA ARG A 147 -12.42 18.50 5.69
C ARG A 147 -12.40 18.95 7.13
N ARG A 148 -12.57 18.07 8.11
CA ARG A 148 -12.38 18.51 9.51
C ARG A 148 -11.02 19.20 9.73
N LEU A 149 -9.94 18.85 8.99
CA LEU A 149 -8.63 19.49 9.18
C LEU A 149 -8.34 20.74 8.25
N GLY A 150 -9.35 21.15 7.47
CA GLY A 150 -9.31 22.31 6.57
C GLY A 150 -8.75 21.97 5.22
N GLY A 151 -8.73 20.70 4.83
CA GLY A 151 -8.27 20.38 3.50
C GLY A 151 -9.45 20.54 2.55
N GLU A 152 -9.17 20.87 1.30
CA GLU A 152 -10.19 20.81 0.27
C GLU A 152 -10.06 19.51 -0.49
N VAL A 153 -11.21 18.86 -0.69
CA VAL A 153 -11.35 17.76 -1.57
C VAL A 153 -12.46 18.04 -2.53
N VAL A 154 -12.11 18.09 -3.79
CA VAL A 154 -13.09 18.07 -4.88
C VAL A 154 -12.94 16.96 -5.90
N HIS A 155 -11.88 16.17 -5.75
CA HIS A 155 -11.53 15.06 -6.65
C HIS A 155 -11.32 13.71 -5.92
N ALA A 156 -11.91 12.64 -6.42
CA ALA A 156 -11.69 11.27 -5.94
C ALA A 156 -11.45 10.41 -7.17
N ALA A 157 -10.37 9.58 -7.16
CA ALA A 157 -10.01 8.79 -8.35
C ALA A 157 -9.92 7.33 -7.97
N PHE A 158 -10.28 6.50 -8.93
CA PHE A 158 -10.38 5.06 -8.73
C PHE A 158 -9.98 4.25 -9.96
N ILE A 159 -9.56 3.04 -9.73
CA ILE A 159 -9.25 2.14 -10.84
C ILE A 159 -10.60 1.62 -11.34
N ILE A 160 -11.45 1.20 -10.39
CA ILE A 160 -12.70 0.55 -10.70
C ILE A 160 -13.91 1.21 -9.99
N ASN A 161 -15.00 1.39 -10.75
CA ASN A 161 -16.29 1.96 -10.31
C ASN A 161 -17.36 0.88 -10.57
N LEU A 162 -18.22 0.70 -9.59
CA LEU A 162 -19.39 -0.25 -9.70
C LEU A 162 -20.58 0.67 -9.44
N PRO A 163 -20.97 1.48 -10.43
CA PRO A 163 -21.95 2.57 -10.26
C PRO A 163 -23.32 2.08 -9.79
N GLU A 164 -23.66 0.85 -10.09
CA GLU A 164 -24.88 0.25 -9.50
C GLU A 164 -24.88 0.16 -7.98
N LEU A 165 -23.75 0.28 -7.29
CA LEU A 165 -23.80 0.23 -5.81
C LEU A 165 -24.03 1.63 -5.19
N GLY A 166 -24.07 2.64 -6.04
CA GLY A 166 -24.48 3.98 -5.60
C GLY A 166 -23.38 4.94 -5.15
N GLY A 167 -22.14 4.46 -5.05
CA GLY A 167 -21.08 5.32 -4.50
C GLY A 167 -20.77 6.56 -5.33
N GLU A 168 -20.69 6.42 -6.66
CA GLU A 168 -20.47 7.58 -7.51
C GLU A 168 -21.56 8.67 -7.27
N ALA A 169 -22.83 8.33 -7.37
CA ALA A 169 -23.94 9.28 -7.08
C ALA A 169 -23.83 9.84 -5.69
N ARG A 170 -23.45 9.01 -4.74
CA ARG A 170 -23.37 9.50 -3.36
C ARG A 170 -22.23 10.53 -3.14
N LEU A 171 -21.09 10.33 -3.78
CA LEU A 171 -19.98 11.23 -3.65
C LEU A 171 -20.17 12.50 -4.51
N THR A 172 -20.74 12.34 -5.69
CA THR A 172 -21.13 13.47 -6.54
C THR A 172 -22.03 14.47 -5.71
N GLN A 173 -23.06 13.92 -5.04
CA GLN A 173 -23.92 14.71 -4.15
C GLN A 173 -23.12 15.45 -3.02
N GLN A 174 -21.94 14.96 -2.59
CA GLN A 174 -21.13 15.62 -1.55
C GLN A 174 -20.02 16.48 -2.07
N GLY A 175 -20.15 16.95 -3.31
CA GLY A 175 -19.19 17.88 -3.92
C GLY A 175 -17.91 17.23 -4.47
N ILE A 176 -17.93 15.94 -4.85
CA ILE A 176 -16.71 15.27 -5.23
C ILE A 176 -16.82 14.82 -6.66
N HIS A 177 -15.96 15.30 -7.52
CA HIS A 177 -15.80 14.80 -8.91
C HIS A 177 -15.01 13.43 -8.93
N CYS A 178 -15.76 12.37 -9.26
CA CYS A 178 -15.26 10.98 -9.27
C CYS A 178 -14.68 10.70 -10.60
N TYR A 179 -13.50 10.15 -10.65
CA TYR A 179 -12.90 9.77 -11.92
C TYR A 179 -12.48 8.29 -11.73
N SER A 180 -12.96 7.42 -12.60
CA SER A 180 -12.61 6.03 -12.58
C SER A 180 -12.07 5.55 -13.94
N LEU A 181 -11.08 4.69 -13.90
CA LEU A 181 -10.53 4.18 -15.12
C LEU A 181 -11.47 3.24 -15.79
N VAL A 182 -12.01 2.26 -15.08
CA VAL A 182 -12.93 1.30 -15.70
C VAL A 182 -14.14 1.13 -14.82
N SER A 183 -15.20 0.57 -15.39
CA SER A 183 -16.40 0.19 -14.63
C SER A 183 -16.99 -1.14 -15.06
N PHE A 184 -17.63 -1.80 -14.14
CA PHE A 184 -18.35 -3.04 -14.38
C PHE A 184 -19.74 -2.90 -13.79
N ASP A 185 -20.62 -3.77 -14.27
CA ASP A 185 -22.01 -3.88 -13.90
C ASP A 185 -22.36 -5.33 -14.18
N GLY A 186 -23.63 -5.74 -14.03
CA GLY A 186 -24.10 -7.15 -14.14
C GLY A 186 -24.89 -7.59 -15.37
N THR B 8 24.99 10.98 -1.81
CA THR B 8 24.08 9.82 -1.42
C THR B 8 24.06 9.47 0.06
N ALA B 9 25.20 9.57 0.71
CA ALA B 9 25.24 9.88 2.16
C ALA B 9 24.29 11.06 2.53
N GLN B 10 24.26 12.03 1.64
CA GLN B 10 23.55 13.29 1.80
C GLN B 10 22.01 12.94 1.75
N GLN B 11 21.67 12.16 0.74
CA GLN B 11 20.38 11.59 0.50
C GLN B 11 19.83 10.63 1.65
N LEU B 12 20.67 9.67 2.11
CA LEU B 12 20.35 8.78 3.24
C LEU B 12 20.09 9.58 4.48
N LYS B 13 20.87 10.63 4.71
CA LYS B 13 20.64 11.53 5.85
C LYS B 13 19.32 12.31 5.72
N TYR B 14 19.00 12.78 4.51
CA TYR B 14 17.77 13.46 4.28
C TYR B 14 16.58 12.46 4.60
N ILE B 15 16.68 11.24 4.07
CA ILE B 15 15.66 10.19 4.32
C ILE B 15 15.55 9.94 5.85
N LYS B 16 16.67 9.65 6.47
CA LYS B 16 16.69 9.39 7.90
C LYS B 16 16.06 10.53 8.74
N ASP B 17 16.41 11.79 8.43
CA ASP B 17 15.88 12.95 9.22
C ASP B 17 14.38 13.22 8.93
N SER B 18 13.89 12.75 7.78
CA SER B 18 12.48 12.86 7.45
C SER B 18 11.58 11.93 8.30
N ILE B 19 12.17 10.94 8.96
CA ILE B 19 11.41 9.98 9.76
C ILE B 19 11.28 10.46 11.22
N LYS B 20 10.07 10.64 11.75
CA LYS B 20 9.90 11.15 13.09
C LYS B 20 10.02 10.07 14.14
N THR B 21 10.61 10.40 15.28
CA THR B 21 10.65 9.47 16.42
C THR B 21 9.54 9.85 17.39
N ILE B 22 8.66 8.89 17.72
CA ILE B 22 7.55 9.20 18.61
C ILE B 22 7.78 8.61 20.00
N PRO B 23 7.77 9.46 21.06
CA PRO B 23 8.08 8.88 22.39
C PRO B 23 6.84 8.24 22.96
N ASP B 24 7.02 7.14 23.71
CA ASP B 24 5.93 6.50 24.41
C ASP B 24 4.90 5.92 23.50
N TYR B 25 5.35 5.28 22.42
CA TYR B 25 4.42 4.59 21.56
C TYR B 25 5.09 3.25 21.10
N PRO B 26 4.32 2.15 21.11
CA PRO B 26 2.91 2.11 21.61
C PRO B 26 2.73 2.23 23.14
N LYS B 27 3.77 2.17 23.95
CA LYS B 27 3.61 2.37 25.38
C LYS B 27 4.77 3.14 25.96
N ALA B 28 4.63 3.47 27.25
CA ALA B 28 5.62 4.12 28.11
C ALA B 28 7.02 3.51 28.01
N GLY B 29 8.04 4.34 27.74
CA GLY B 29 9.43 3.90 27.62
C GLY B 29 9.88 3.62 26.18
N ILE B 30 8.95 3.27 25.29
CA ILE B 30 9.29 2.74 23.96
C ILE B 30 9.26 3.88 22.95
N LEU B 31 10.14 3.80 21.97
CA LEU B 31 10.26 4.81 20.91
C LEU B 31 9.69 4.17 19.63
N PHE B 32 9.02 4.95 18.79
CA PHE B 32 8.43 4.44 17.56
C PHE B 32 8.99 5.28 16.42
N ARG B 33 9.51 4.63 15.39
CA ARG B 33 9.92 5.34 14.20
C ARG B 33 8.78 5.33 13.20
N ASP B 34 8.34 6.56 12.91
CA ASP B 34 7.16 6.84 12.20
C ASP B 34 7.50 7.19 10.75
N VAL B 35 7.32 6.19 9.92
CA VAL B 35 7.64 6.33 8.48
C VAL B 35 6.63 7.25 7.74
N THR B 36 5.51 7.59 8.34
CA THR B 36 4.53 8.44 7.65
C THR B 36 5.03 9.84 7.36
N SER B 37 5.97 10.32 8.18
CA SER B 37 6.57 11.63 7.91
C SER B 37 7.47 11.61 6.71
N LEU B 38 8.05 10.46 6.41
CA LEU B 38 8.76 10.26 5.14
C LEU B 38 7.78 10.25 3.94
N LEU B 39 6.65 9.56 4.09
CA LEU B 39 5.66 9.48 3.02
C LEU B 39 5.15 10.82 2.66
N GLU B 40 5.06 11.70 3.65
CA GLU B 40 4.56 13.04 3.35
C GLU B 40 5.63 14.04 2.86
N ASN B 41 6.90 13.64 2.73
CA ASN B 41 7.95 14.53 2.16
C ASN B 41 8.29 13.93 0.80
N PRO B 42 7.84 14.56 -0.29
CA PRO B 42 7.93 13.83 -1.53
C PRO B 42 9.38 13.53 -1.97
N LYS B 43 10.27 14.48 -1.61
CA LYS B 43 11.67 14.32 -1.85
C LYS B 43 12.27 13.08 -1.13
N ALA B 44 11.88 12.85 0.13
CA ALA B 44 12.40 11.72 0.86
C ALA B 44 11.83 10.37 0.35
N TYR B 45 10.59 10.48 -0.08
CA TYR B 45 9.79 9.34 -0.45
C TYR B 45 10.31 8.79 -1.81
N SER B 46 10.47 9.70 -2.80
CA SER B 46 10.90 9.36 -4.10
C SER B 46 12.37 8.85 -3.99
N ALA B 47 13.20 9.55 -3.19
CA ALA B 47 14.54 9.07 -2.94
C ALA B 47 14.58 7.67 -2.33
N SER B 48 13.65 7.31 -1.46
CA SER B 48 13.77 5.99 -0.86
C SER B 48 13.47 4.92 -1.89
N ILE B 49 12.53 5.21 -2.81
CA ILE B 49 12.11 4.31 -3.85
C ILE B 49 13.27 4.27 -4.88
N GLU B 50 13.84 5.41 -5.21
CA GLU B 50 15.00 5.38 -6.10
C GLU B 50 16.15 4.46 -5.56
N LEU B 51 16.52 4.55 -4.28
CA LEU B 51 17.63 3.72 -3.75
C LEU B 51 17.30 2.28 -3.75
N LEU B 52 16.09 1.94 -3.33
CA LEU B 52 15.70 0.54 -3.31
C LEU B 52 15.71 -0.05 -4.70
N SER B 53 15.12 0.63 -5.69
CA SER B 53 15.02 0.00 -7.00
C SER B 53 16.36 -0.12 -7.72
N GLU B 54 17.17 0.93 -7.56
CA GLU B 54 18.52 0.92 -8.14
C GLU B 54 19.41 -0.11 -7.48
N HIS B 55 19.20 -0.42 -6.20
CA HIS B 55 20.04 -1.47 -5.57
C HIS B 55 19.82 -2.90 -6.20
N TYR B 56 18.58 -3.15 -6.67
CA TYR B 56 18.18 -4.41 -7.21
C TYR B 56 18.10 -4.39 -8.73
N SER B 57 18.58 -3.33 -9.38
CA SER B 57 18.38 -3.12 -10.82
C SER B 57 18.93 -4.26 -11.72
N GLU B 58 20.03 -4.83 -11.27
CA GLU B 58 20.69 -5.91 -11.94
C GLU B 58 20.50 -7.23 -11.26
N SER B 59 19.58 -7.37 -10.29
CA SER B 59 19.42 -8.58 -9.50
CA SER B 59 19.53 -8.62 -9.52
C SER B 59 18.70 -9.73 -10.20
N GLY B 60 18.06 -9.46 -11.33
CA GLY B 60 17.23 -10.49 -12.02
C GLY B 60 15.89 -10.80 -11.34
N VAL B 61 15.46 -9.94 -10.43
CA VAL B 61 14.15 -10.08 -9.77
C VAL B 61 13.01 -10.17 -10.76
N THR B 62 12.09 -11.13 -10.57
CA THR B 62 10.90 -11.21 -11.46
C THR B 62 9.58 -10.81 -10.81
N LYS B 63 9.56 -10.75 -9.47
CA LYS B 63 8.34 -10.40 -8.69
C LYS B 63 8.78 -9.59 -7.47
N VAL B 64 7.96 -8.66 -7.02
CA VAL B 64 8.12 -8.04 -5.71
C VAL B 64 6.90 -8.40 -4.87
N VAL B 65 7.16 -8.93 -3.66
CA VAL B 65 6.16 -9.15 -2.61
C VAL B 65 6.29 -8.05 -1.51
N GLY B 66 5.14 -7.47 -1.14
CA GLY B 66 5.03 -6.57 0.03
C GLY B 66 3.91 -6.99 0.92
N THR B 67 4.21 -6.98 2.20
CA THR B 67 3.34 -7.45 3.22
C THR B 67 2.43 -6.29 3.66
N GLU B 68 1.15 -6.58 3.76
CA GLU B 68 0.16 -5.61 4.25
C GLU B 68 0.45 -5.13 5.71
N ALA B 69 0.29 -3.84 6.06
CA ALA B 69 -0.12 -2.76 5.15
C ALA B 69 1.03 -1.79 4.75
N ARG B 70 1.93 -1.49 5.66
CA ARG B 70 2.96 -0.51 5.36
C ARG B 70 3.94 -0.95 4.25
N GLY B 71 4.14 -2.26 4.07
CA GLY B 71 4.99 -2.75 2.99
C GLY B 71 4.43 -2.50 1.58
N PHE B 72 3.10 -2.31 1.47
CA PHE B 72 2.49 -1.96 0.25
C PHE B 72 3.03 -0.60 -0.26
N LEU B 73 3.39 0.31 0.68
CA LEU B 73 3.83 1.62 0.39
C LEU B 73 5.23 1.65 -0.15
N PHE B 74 5.99 0.58 0.02
CA PHE B 74 7.35 0.55 -0.52
C PHE B 74 7.56 -0.59 -1.55
N GLY B 75 6.92 -1.74 -1.34
CA GLY B 75 7.02 -2.84 -2.31
C GLY B 75 6.40 -2.49 -3.62
N ALA B 76 5.23 -1.83 -3.63
CA ALA B 76 4.57 -1.59 -4.92
C ALA B 76 5.32 -0.52 -5.78
N PRO B 77 5.82 0.55 -5.13
CA PRO B 77 6.53 1.52 -5.97
C PRO B 77 7.87 0.93 -6.48
N VAL B 78 8.43 0.02 -5.72
CA VAL B 78 9.63 -0.66 -6.13
C VAL B 78 9.38 -1.57 -7.30
N ALA B 79 8.32 -2.38 -7.22
CA ALA B 79 7.87 -3.12 -8.37
C ALA B 79 7.64 -2.22 -9.60
N LEU B 80 6.87 -1.14 -9.45
CA LEU B 80 6.70 -0.25 -10.59
C LEU B 80 8.04 0.27 -11.20
N ALA B 81 9.01 0.66 -10.36
CA ALA B 81 10.34 1.10 -10.85
C ALA B 81 11.10 -0.05 -11.52
N LEU B 82 11.10 -1.25 -10.96
CA LEU B 82 11.75 -2.40 -11.65
C LEU B 82 11.04 -2.85 -12.89
N GLY B 83 9.77 -2.52 -13.03
CA GLY B 83 8.94 -3.03 -14.11
C GLY B 83 8.59 -4.50 -13.97
N VAL B 84 8.45 -4.98 -12.72
CA VAL B 84 7.96 -6.31 -12.46
C VAL B 84 6.60 -6.36 -11.75
N GLY B 85 5.93 -7.48 -11.80
CA GLY B 85 4.64 -7.53 -11.10
C GLY B 85 4.78 -7.41 -9.55
N PHE B 86 3.73 -6.90 -8.92
CA PHE B 86 3.70 -6.78 -7.46
C PHE B 86 2.71 -7.81 -6.97
N VAL B 87 3.09 -8.46 -5.89
CA VAL B 87 2.26 -9.51 -5.26
C VAL B 87 2.09 -9.15 -3.79
N PRO B 88 0.84 -8.82 -3.41
CA PRO B 88 0.59 -8.64 -1.95
C PRO B 88 0.52 -9.88 -1.10
N VAL B 89 1.06 -9.79 0.15
CA VAL B 89 0.79 -10.81 1.19
C VAL B 89 -0.15 -10.10 2.15
N ARG B 90 -1.27 -10.72 2.48
CA ARG B 90 -2.30 -10.01 3.14
C ARG B 90 -2.67 -10.70 4.49
N LYS B 91 -3.38 -9.95 5.29
CA LYS B 91 -4.09 -10.40 6.49
C LYS B 91 -5.20 -11.28 5.93
N PRO B 92 -5.68 -12.24 6.73
CA PRO B 92 -6.63 -13.26 6.25
C PRO B 92 -7.96 -12.76 5.77
N GLY B 93 -8.54 -13.45 4.81
CA GLY B 93 -9.86 -13.12 4.32
C GLY B 93 -9.96 -11.95 3.36
N LYS B 94 -8.86 -11.46 2.85
CA LYS B 94 -8.90 -10.24 1.98
C LYS B 94 -8.60 -10.65 0.53
N LEU B 95 -7.92 -11.79 0.33
CA LEU B 95 -7.49 -12.21 -1.01
C LEU B 95 -8.56 -13.12 -1.53
N PRO B 96 -9.07 -12.85 -2.75
CA PRO B 96 -10.20 -13.64 -3.22
C PRO B 96 -9.95 -14.99 -3.94
N ARG B 97 -8.77 -15.23 -4.50
CA ARG B 97 -8.45 -16.42 -5.23
C ARG B 97 -7.80 -17.43 -4.30
N GLU B 98 -7.38 -18.58 -4.79
CA GLU B 98 -6.83 -19.58 -3.90
C GLU B 98 -5.62 -19.05 -3.18
N THR B 99 -5.54 -19.30 -1.89
CA THR B 99 -4.43 -18.86 -1.07
C THR B 99 -3.77 -19.96 -0.36
N ILE B 100 -2.53 -19.77 0.07
CA ILE B 100 -2.01 -20.53 1.25
C ILE B 100 -1.78 -19.53 2.36
N SER B 101 -1.55 -20.06 3.57
CA SER B 101 -1.46 -19.31 4.79
C SER B 101 -0.24 -19.72 5.66
N GLU B 102 0.30 -18.74 6.41
CA GLU B 102 1.32 -18.91 7.40
C GLU B 102 1.01 -18.18 8.67
N SER B 103 1.05 -18.91 9.76
CA SER B 103 0.86 -18.41 11.11
C SER B 103 2.17 -17.82 11.69
N TYR B 104 2.04 -16.72 12.44
CA TYR B 104 3.16 -16.14 13.16
C TYR B 104 2.67 -15.37 14.42
N GLU B 105 3.65 -15.06 15.28
CA GLU B 105 3.45 -14.47 16.63
C GLU B 105 3.36 -12.95 16.65
N LEU B 106 2.38 -12.45 17.37
CA LEU B 106 2.32 -11.03 17.72
C LEU B 106 2.63 -11.11 19.20
N GLU B 107 2.64 -9.95 19.81
CA GLU B 107 2.92 -9.82 21.24
C GLU B 107 1.83 -10.56 22.00
N TYR B 108 0.56 -10.29 21.65
CA TYR B 108 -0.61 -10.90 22.29
C TYR B 108 -1.42 -11.96 21.57
N GLY B 109 -0.78 -12.75 20.75
CA GLY B 109 -1.42 -13.96 20.28
C GLY B 109 -0.81 -14.32 18.93
N THR B 110 -1.63 -14.79 18.00
N THR B 110 -1.61 -14.93 18.06
CA THR B 110 -1.18 -15.46 16.79
CA THR B 110 -1.17 -15.34 16.74
C THR B 110 -2.04 -14.87 15.63
C THR B 110 -1.97 -14.61 15.67
N ASP B 111 -1.42 -14.62 14.48
CA ASP B 111 -2.18 -14.16 13.27
C ASP B 111 -1.61 -14.88 12.08
N THR B 112 -2.24 -14.63 10.93
CA THR B 112 -1.82 -15.25 9.66
C THR B 112 -1.62 -14.22 8.58
N LEU B 113 -0.80 -14.62 7.60
CA LEU B 113 -0.59 -13.95 6.31
C LEU B 113 -0.89 -14.96 5.20
N GLU B 114 -1.56 -14.47 4.16
CA GLU B 114 -1.94 -15.23 3.04
C GLU B 114 -1.29 -14.68 1.78
N ILE B 115 -1.21 -15.57 0.81
CA ILE B 115 -0.76 -15.20 -0.54
C ILE B 115 -1.57 -15.94 -1.57
N HIS B 116 -1.90 -15.32 -2.72
CA HIS B 116 -2.45 -16.08 -3.84
C HIS B 116 -1.44 -17.15 -4.41
N THR B 117 -1.87 -18.42 -4.41
CA THR B 117 -1.10 -19.54 -4.95
C THR B 117 -0.75 -19.37 -6.42
N ASP B 118 -1.57 -18.72 -7.23
CA ASP B 118 -1.25 -18.53 -8.63
C ASP B 118 -0.25 -17.40 -8.87
N SER B 119 0.13 -16.61 -7.84
CA SER B 119 0.93 -15.40 -8.10
C SER B 119 2.43 -15.64 -7.95
N ILE B 120 2.80 -16.79 -7.38
CA ILE B 120 4.20 -17.20 -7.35
C ILE B 120 4.33 -18.57 -8.01
N GLN B 121 5.35 -18.77 -8.85
CA GLN B 121 5.63 -20.14 -9.46
C GLN B 121 7.08 -20.56 -9.32
N PRO B 122 7.38 -21.89 -9.55
CA PRO B 122 8.80 -22.28 -9.54
C PRO B 122 9.64 -21.41 -10.47
N GLY B 123 10.84 -21.07 -10.01
CA GLY B 123 11.75 -20.22 -10.77
C GLY B 123 11.46 -18.73 -10.67
N ASP B 124 10.40 -18.31 -9.93
CA ASP B 124 10.25 -16.88 -9.72
C ASP B 124 11.39 -16.39 -8.88
N LYS B 125 11.91 -15.22 -9.19
CA LYS B 125 12.92 -14.59 -8.35
C LYS B 125 12.30 -13.38 -7.61
N VAL B 126 12.15 -13.52 -6.29
CA VAL B 126 11.23 -12.71 -5.54
C VAL B 126 11.97 -11.79 -4.59
N LEU B 127 11.92 -10.49 -4.84
CA LEU B 127 12.37 -9.51 -3.80
C LEU B 127 11.29 -9.28 -2.75
N VAL B 128 11.57 -9.40 -1.46
CA VAL B 128 10.57 -8.96 -0.44
C VAL B 128 10.89 -7.55 0.03
N VAL B 129 9.87 -6.72 0.12
CA VAL B 129 10.07 -5.29 0.61
C VAL B 129 9.10 -4.99 1.74
N ASP B 130 9.60 -4.40 2.82
CA ASP B 130 8.79 -4.02 3.92
C ASP B 130 9.30 -2.64 4.41
N ASP B 131 8.50 -1.90 5.17
CA ASP B 131 8.99 -0.62 5.66
C ASP B 131 10.04 -0.78 6.73
N LEU B 132 9.82 -1.77 7.59
CA LEU B 132 10.49 -1.85 8.85
C LEU B 132 10.84 -3.27 9.18
N LEU B 133 12.12 -3.51 9.49
CA LEU B 133 12.56 -4.79 10.08
C LEU B 133 12.81 -4.65 11.57
N ALA B 134 12.00 -5.29 12.37
CA ALA B 134 12.18 -5.30 13.85
C ALA B 134 12.66 -6.70 14.26
N THR B 135 11.76 -7.58 14.65
CA THR B 135 12.14 -8.94 15.09
C THR B 135 12.29 -9.88 13.93
N GLY B 136 11.77 -9.50 12.73
CA GLY B 136 11.85 -10.41 11.58
C GLY B 136 10.67 -11.44 11.41
N GLY B 137 9.72 -11.47 12.35
CA GLY B 137 8.62 -12.43 12.38
C GLY B 137 7.80 -12.38 11.11
N THR B 138 7.36 -11.19 10.80
CA THR B 138 6.55 -10.93 9.64
C THR B 138 7.19 -11.43 8.36
N ILE B 139 8.46 -11.10 8.16
CA ILE B 139 9.17 -11.45 6.94
C ILE B 139 9.52 -12.92 6.88
N GLU B 140 9.80 -13.56 8.02
CA GLU B 140 10.04 -14.99 8.03
C GLU B 140 8.82 -15.74 7.56
N ALA B 141 7.64 -15.34 8.02
CA ALA B 141 6.35 -15.91 7.57
C ALA B 141 6.12 -15.69 6.06
N THR B 142 6.42 -14.45 5.61
CA THR B 142 6.22 -14.06 4.22
C THR B 142 7.04 -14.97 3.31
N VAL B 143 8.28 -15.16 3.72
CA VAL B 143 9.24 -15.90 2.99
C VAL B 143 8.80 -17.38 2.85
N LYS B 144 8.28 -17.92 3.94
CA LYS B 144 7.73 -19.25 3.90
C LYS B 144 6.57 -19.41 2.93
N LEU B 145 5.74 -18.34 2.79
CA LEU B 145 4.68 -18.35 1.79
C LEU B 145 5.25 -18.52 0.36
N ILE B 146 6.23 -17.68 0.08
CA ILE B 146 6.81 -17.61 -1.23
C ILE B 146 7.54 -18.94 -1.53
N ARG B 147 8.32 -19.44 -0.58
CA ARG B 147 9.08 -20.64 -0.88
C ARG B 147 8.20 -21.83 -1.04
N ARG B 148 7.08 -21.94 -0.34
CA ARG B 148 6.18 -23.06 -0.50
C ARG B 148 5.63 -23.11 -1.88
N LEU B 149 5.55 -22.01 -2.60
CA LEU B 149 5.06 -21.96 -3.98
C LEU B 149 6.19 -22.17 -5.10
N GLY B 150 7.43 -22.46 -4.66
CA GLY B 150 8.60 -22.70 -5.53
C GLY B 150 9.36 -21.42 -5.77
N GLY B 151 8.95 -20.31 -5.15
CA GLY B 151 9.63 -19.06 -5.35
C GLY B 151 10.99 -19.07 -4.68
N GLU B 152 12.00 -18.42 -5.30
N GLU B 152 11.99 -18.38 -5.26
CA GLU B 152 13.32 -18.10 -4.68
CA GLU B 152 13.33 -18.22 -4.67
C GLU B 152 13.30 -16.70 -4.06
C GLU B 152 13.51 -16.77 -4.11
N VAL B 153 13.69 -16.63 -2.79
CA VAL B 153 13.89 -15.34 -2.10
C VAL B 153 15.28 -15.36 -1.53
N VAL B 154 16.11 -14.42 -1.96
CA VAL B 154 17.46 -14.26 -1.38
C VAL B 154 17.70 -12.85 -0.92
N HIS B 155 16.72 -11.98 -1.16
CA HIS B 155 16.80 -10.56 -0.76
C HIS B 155 15.49 -10.09 -0.13
N ALA B 156 15.65 -9.29 0.89
CA ALA B 156 14.60 -8.58 1.57
C ALA B 156 15.16 -7.16 1.81
N ALA B 157 14.33 -6.14 1.62
CA ALA B 157 14.73 -4.76 1.65
C ALA B 157 13.79 -3.95 2.49
N PHE B 158 14.37 -2.95 3.15
CA PHE B 158 13.63 -2.13 4.17
C PHE B 158 14.06 -0.69 4.10
N ILE B 159 13.14 0.18 4.51
CA ILE B 159 13.51 1.56 4.84
C ILE B 159 14.24 1.63 6.18
N ILE B 160 13.70 1.02 7.23
CA ILE B 160 14.24 1.13 8.59
C ILE B 160 14.57 -0.23 9.14
N ASN B 161 15.77 -0.40 9.71
CA ASN B 161 16.18 -1.62 10.48
C ASN B 161 16.38 -1.30 11.92
N LEU B 162 15.93 -2.21 12.80
CA LEU B 162 16.07 -2.05 14.25
C LEU B 162 16.84 -3.26 14.69
N PRO B 163 18.17 -3.26 14.51
CA PRO B 163 18.92 -4.49 14.62
C PRO B 163 18.97 -5.01 16.03
N GLU B 164 18.89 -4.11 17.03
CA GLU B 164 18.85 -4.56 18.41
C GLU B 164 17.72 -5.57 18.62
N LEU B 165 16.65 -5.51 17.82
CA LEU B 165 15.52 -6.46 17.99
C LEU B 165 15.72 -7.83 17.30
N GLY B 166 16.83 -8.00 16.59
CA GLY B 166 17.31 -9.31 16.11
C GLY B 166 16.84 -9.75 14.71
N GLY B 167 16.00 -8.98 13.99
CA GLY B 167 15.44 -9.47 12.73
C GLY B 167 16.44 -9.70 11.60
N GLU B 168 17.38 -8.78 11.51
CA GLU B 168 18.48 -8.88 10.55
C GLU B 168 19.20 -10.21 10.68
N ALA B 169 19.56 -10.56 11.91
CA ALA B 169 20.32 -11.79 12.17
C ALA B 169 19.43 -13.01 11.90
N ARG B 170 18.20 -12.99 12.42
CA ARG B 170 17.23 -14.05 12.16
C ARG B 170 17.04 -14.39 10.65
N LEU B 171 16.90 -13.36 9.86
CA LEU B 171 16.63 -13.53 8.45
C LEU B 171 17.87 -13.88 7.72
N THR B 172 18.98 -13.31 8.17
CA THR B 172 20.29 -13.70 7.58
C THR B 172 20.47 -15.21 7.72
N GLN B 173 20.11 -15.77 8.89
CA GLN B 173 20.14 -17.21 9.12
C GLN B 173 19.28 -17.97 8.14
N GLN B 174 18.23 -17.36 7.60
CA GLN B 174 17.35 -18.05 6.68
C GLN B 174 17.65 -17.88 5.20
N GLY B 175 18.90 -17.56 4.87
CA GLY B 175 19.36 -17.31 3.49
C GLY B 175 18.86 -15.99 2.91
N ILE B 176 18.50 -15.01 3.76
CA ILE B 176 18.00 -13.77 3.22
C ILE B 176 19.01 -12.68 3.36
N HIS B 177 19.42 -12.03 2.27
CA HIS B 177 20.32 -10.83 2.38
C HIS B 177 19.47 -9.56 2.64
N CYS B 178 19.63 -8.96 3.80
CA CYS B 178 18.86 -7.80 4.22
C CYS B 178 19.55 -6.49 3.89
N TYR B 179 18.83 -5.65 3.18
CA TYR B 179 19.26 -4.33 2.80
C TYR B 179 18.30 -3.27 3.38
N SER B 180 18.82 -2.45 4.27
CA SER B 180 18.04 -1.38 4.92
C SER B 180 18.62 -0.01 4.65
N LEU B 181 17.80 0.96 4.40
CA LEU B 181 18.29 2.28 4.12
C LEU B 181 18.88 2.89 5.35
N VAL B 182 18.13 2.93 6.43
CA VAL B 182 18.63 3.52 7.69
C VAL B 182 18.40 2.57 8.88
N SER B 183 19.07 2.88 9.99
CA SER B 183 19.09 2.09 11.24
C SER B 183 18.96 3.05 12.39
N PHE B 184 18.20 2.62 13.39
CA PHE B 184 18.09 3.28 14.68
C PHE B 184 18.45 2.26 15.77
N ASP B 185 19.08 2.70 16.86
CA ASP B 185 19.73 1.75 17.76
C ASP B 185 19.41 1.96 19.22
#